data_3TX1
#
_entry.id   3TX1
#
_cell.length_a   95.210
_cell.length_b   95.210
_cell.length_c   189.895
_cell.angle_alpha   90.00
_cell.angle_beta   90.00
_cell.angle_gamma   120.00
#
_symmetry.space_group_name_H-M   'P 61 2 2'
#
loop_
_entity.id
_entity.type
_entity.pdbx_description
1 polymer 'UDP-N-acetylenolpyruvoylglucosamine reductase'
2 non-polymer 'FLAVIN-ADENINE DINUCLEOTIDE'
3 non-polymer GLYCEROL
4 non-polymer 'SULFATE ION'
5 water water
#
_entity_poly.entity_id   1
_entity_poly.type   'polypeptide(L)'
_entity_poly.pdbx_seq_one_letter_code
;MHHHHHHSSGVDLGTENLYFQSNAMNNLQTKFPHIAIKLNEPLSKYTYTKTGGAADVFVMPKTIEEAQEVVAYCHQNKIP
LTILGNGSNLIIKDGGIRGVILHLDLLQTIERNNTQIVAMSGAKLIDTAKFALNESLSGLEFACGIPGSIGGALHMNAGA
YGGEISDVLEAATVLTQTGELKKLKRSELKAAYRFSTIAEKNYIVLDATFSLALEEKNLIQAKMDELTAAREAKQPLEYP
SCGSVFKRPPGHFAGKLIQDSGLQGHIIGGAQVSLKHAGFIVNIGGATATDYMNLIAYVQQTVREKFDVELETEVKIIGE
DK
;
_entity_poly.pdbx_strand_id   A
#
loop_
_chem_comp.id
_chem_comp.type
_chem_comp.name
_chem_comp.formula
FAD non-polymer 'FLAVIN-ADENINE DINUCLEOTIDE' 'C27 H33 N9 O15 P2'
GOL non-polymer GLYCEROL 'C3 H8 O3'
SO4 non-polymer 'SULFATE ION' 'O4 S -2'
#
# COMPACT_ATOMS: atom_id res chain seq x y z
N MET A 25 4.88 17.68 20.69
CA MET A 25 6.12 17.30 19.97
C MET A 25 6.65 15.97 20.59
N ASN A 26 7.13 16.07 21.83
CA ASN A 26 7.51 14.89 22.63
C ASN A 26 6.28 14.67 23.53
N ASN A 27 5.51 15.75 23.61
CA ASN A 27 4.39 15.94 24.49
C ASN A 27 3.03 15.34 24.09
N LEU A 28 2.95 14.76 22.89
CA LEU A 28 1.68 14.23 22.37
C LEU A 28 0.86 13.28 23.24
N GLN A 29 1.49 12.27 23.81
CA GLN A 29 0.75 11.32 24.63
C GLN A 29 0.00 12.03 25.79
N THR A 30 0.58 13.11 26.32
CA THR A 30 -0.04 13.94 27.37
C THR A 30 -1.44 14.39 26.91
N LYS A 31 -1.49 15.31 25.96
CA LYS A 31 -2.76 15.73 25.42
C LYS A 31 -3.71 14.57 25.24
N PHE A 32 -3.32 13.52 24.54
CA PHE A 32 -4.30 12.50 24.25
C PHE A 32 -4.05 11.13 24.85
N PRO A 33 -4.42 10.94 26.14
CA PRO A 33 -4.39 9.56 26.57
C PRO A 33 -5.59 8.96 25.83
N HIS A 34 -5.96 7.70 26.06
CA HIS A 34 -7.13 7.15 25.35
C HIS A 34 -6.89 6.96 23.88
N ILE A 35 -5.79 7.50 23.35
CA ILE A 35 -5.42 7.26 21.95
C ILE A 35 -4.23 6.33 22.04
N ALA A 36 -4.43 5.10 21.59
CA ALA A 36 -3.36 4.11 21.58
C ALA A 36 -2.18 4.68 20.81
N ILE A 37 -1.07 4.86 21.52
CA ILE A 37 0.17 5.40 20.96
C ILE A 37 1.37 4.55 21.39
N LYS A 38 2.41 4.53 20.56
CA LYS A 38 3.63 3.77 20.89
C LYS A 38 4.97 4.50 20.68
N LEU A 39 5.89 4.09 21.50
CA LEU A 39 7.14 4.74 21.58
C LEU A 39 8.14 3.99 20.74
N ASN A 40 8.84 4.74 19.91
CA ASN A 40 9.88 4.14 19.03
C ASN A 40 9.66 2.76 18.39
N GLU A 41 8.53 2.58 17.74
CA GLU A 41 8.09 1.27 17.32
C GLU A 41 8.77 0.82 16.04
N PRO A 42 9.46 -0.35 16.07
CA PRO A 42 10.05 -0.85 14.83
C PRO A 42 8.88 -1.27 13.96
N LEU A 43 8.89 -0.78 12.73
CA LEU A 43 7.78 -0.97 11.82
C LEU A 43 7.70 -2.28 11.11
N SER A 44 8.74 -3.08 11.18
CA SER A 44 8.76 -4.34 10.43
C SER A 44 7.62 -5.25 10.84
N LYS A 45 7.16 -5.06 12.07
CA LYS A 45 6.00 -5.79 12.63
C LYS A 45 4.71 -5.52 11.83
N TYR A 46 4.63 -4.35 11.19
CA TYR A 46 3.44 -3.90 10.46
C TYR A 46 3.63 -3.83 8.96
N THR A 47 4.77 -4.25 8.42
CA THR A 47 4.97 -4.08 6.98
C THR A 47 4.99 -5.38 6.31
N TYR A 48 4.53 -5.33 5.08
CA TYR A 48 4.36 -6.48 4.27
C TYR A 48 5.71 -7.14 3.91
N THR A 49 6.79 -6.37 3.86
CA THR A 49 8.13 -6.95 3.64
C THR A 49 8.74 -7.36 4.95
N LYS A 50 8.12 -6.99 6.06
CA LYS A 50 8.67 -7.28 7.37
C LYS A 50 10.04 -6.59 7.54
N THR A 51 10.12 -5.34 7.11
CA THR A 51 11.35 -4.54 7.22
C THR A 51 10.97 -3.12 7.54
N GLY A 52 11.99 -2.37 7.96
CA GLY A 52 11.84 -0.96 8.20
C GLY A 52 12.35 -0.61 9.58
N GLY A 53 13.16 0.43 9.66
CA GLY A 53 13.63 0.91 10.96
C GLY A 53 12.46 1.44 11.79
N ALA A 54 12.73 1.85 13.03
CA ALA A 54 11.64 2.33 13.90
C ALA A 54 11.10 3.72 13.48
N ALA A 55 9.93 4.04 14.00
CA ALA A 55 9.28 5.32 13.80
C ALA A 55 9.13 5.80 15.23
N ASP A 56 9.71 6.96 15.51
CA ASP A 56 9.74 7.53 16.89
C ASP A 56 8.40 7.70 17.65
N VAL A 57 7.33 8.03 16.91
CA VAL A 57 5.97 8.23 17.45
C VAL A 57 4.91 7.46 16.60
N PHE A 58 4.40 6.34 17.12
CA PHE A 58 3.48 5.47 16.41
C PHE A 58 2.05 5.47 16.98
N VAL A 59 1.11 6.00 16.20
CA VAL A 59 -0.25 6.18 16.66
C VAL A 59 -1.31 5.39 15.94
N MET A 60 -2.21 4.75 16.71
CA MET A 60 -3.37 4.00 16.18
C MET A 60 -4.72 4.50 16.69
N PRO A 61 -5.43 5.30 15.88
CA PRO A 61 -6.72 5.86 16.30
C PRO A 61 -7.90 4.92 16.11
N LYS A 62 -8.78 4.90 17.10
CA LYS A 62 -9.96 4.05 17.17
C LYS A 62 -11.09 4.81 16.52
N THR A 63 -10.91 6.12 16.44
CA THR A 63 -11.94 7.02 15.97
C THR A 63 -11.44 7.96 14.91
N ILE A 64 -12.36 8.38 14.05
CA ILE A 64 -12.14 9.44 13.10
C ILE A 64 -11.71 10.74 13.81
N GLU A 65 -12.42 11.12 14.87
CA GLU A 65 -12.07 12.34 15.61
C GLU A 65 -10.65 12.21 16.14
N GLU A 66 -10.30 10.99 16.59
CA GLU A 66 -8.94 10.75 17.07
C GLU A 66 -7.96 11.01 15.95
N ALA A 67 -8.31 10.57 14.74
CA ALA A 67 -7.37 10.78 13.65
C ALA A 67 -7.18 12.27 13.41
N GLN A 68 -8.25 13.03 13.55
CA GLN A 68 -8.30 14.46 13.36
C GLN A 68 -7.42 15.24 14.32
N GLU A 69 -7.58 14.94 15.59
CA GLU A 69 -6.83 15.62 16.57
C GLU A 69 -5.33 15.45 16.35
N VAL A 70 -4.93 14.25 15.95
CA VAL A 70 -3.50 13.98 15.79
C VAL A 70 -2.93 14.66 14.55
N VAL A 71 -3.68 14.60 13.45
CA VAL A 71 -3.30 15.27 12.22
C VAL A 71 -3.21 16.75 12.42
N ALA A 72 -4.17 17.31 13.13
CA ALA A 72 -4.16 18.74 13.39
C ALA A 72 -2.98 19.10 14.27
N TYR A 73 -2.78 18.31 15.32
CA TYR A 73 -1.72 18.57 16.27
C TYR A 73 -0.37 18.60 15.59
N CYS A 74 -0.11 17.61 14.73
CA CYS A 74 1.17 17.52 14.02
C CYS A 74 1.36 18.64 13.03
N HIS A 75 0.26 19.01 12.35
CA HIS A 75 0.29 20.12 11.43
C HIS A 75 0.69 21.34 12.18
N GLN A 76 -0.08 21.73 13.20
CA GLN A 76 0.16 22.96 13.97
C GLN A 76 1.53 23.08 14.60
N ASN A 77 2.12 21.95 14.96
CA ASN A 77 3.44 21.94 15.57
C ASN A 77 4.52 21.67 14.54
N LYS A 78 4.12 21.70 13.26
CA LYS A 78 5.00 21.40 12.11
C LYS A 78 5.79 20.09 12.23
N ILE A 79 5.16 19.06 12.83
CA ILE A 79 5.78 17.73 12.97
C ILE A 79 5.47 16.90 11.72
N PRO A 80 6.51 16.53 10.94
CA PRO A 80 6.30 15.67 9.76
C PRO A 80 5.40 14.49 10.14
N LEU A 81 4.42 14.20 9.30
CA LEU A 81 3.49 13.12 9.60
C LEU A 81 3.46 12.10 8.45
N THR A 82 3.40 10.82 8.77
CA THR A 82 3.34 9.83 7.72
C THR A 82 2.17 8.90 8.00
N ILE A 83 1.52 8.47 6.92
CA ILE A 83 0.45 7.53 7.04
C ILE A 83 0.96 6.24 6.54
N LEU A 84 0.84 5.21 7.35
CA LEU A 84 1.24 3.88 6.97
C LEU A 84 0.01 2.96 6.87
N GLY A 85 -0.18 2.35 5.71
CA GLY A 85 -1.24 1.35 5.53
C GLY A 85 -0.59 0.09 6.04
N ASN A 86 -0.47 -0.94 5.19
CA ASN A 86 0.19 -2.24 5.51
C ASN A 86 1.56 -2.40 4.84
N GLY A 87 2.10 -1.29 4.33
CA GLY A 87 3.43 -1.28 3.71
C GLY A 87 3.60 -2.36 2.65
N SER A 88 2.53 -2.65 1.90
CA SER A 88 2.66 -3.71 0.92
C SER A 88 3.24 -3.05 -0.29
N ASN A 89 3.37 -1.73 -0.23
CA ASN A 89 3.95 -0.97 -1.34
C ASN A 89 4.99 0.07 -0.90
N LEU A 90 5.70 -0.23 0.19
CA LEU A 90 6.79 0.62 0.62
C LEU A 90 7.83 -0.12 1.46
N ILE A 91 9.00 0.52 1.35
N ILE A 91 9.05 0.42 1.67
CA ILE A 91 10.21 0.25 2.01
CA ILE A 91 10.00 -0.42 2.49
C ILE A 91 10.54 1.52 2.75
C ILE A 91 10.31 0.03 3.93
N ILE A 92 10.77 1.27 4.01
CA ILE A 92 11.15 2.15 5.13
C ILE A 92 12.57 1.84 5.57
N LYS A 93 13.49 2.77 5.33
CA LYS A 93 14.91 2.61 5.68
C LYS A 93 15.09 2.31 7.14
N ASP A 94 16.19 1.65 7.49
CA ASP A 94 16.47 1.31 8.89
C ASP A 94 16.76 2.54 9.79
N GLY A 95 17.16 3.67 9.17
CA GLY A 95 17.32 4.92 9.89
C GLY A 95 16.00 5.31 10.51
N GLY A 96 14.97 4.58 10.11
CA GLY A 96 13.61 4.79 10.57
C GLY A 96 12.98 5.97 9.88
N ILE A 97 11.98 6.56 10.56
CA ILE A 97 11.19 7.71 10.08
C ILE A 97 11.02 8.76 11.16
N ARG A 98 11.08 10.03 10.75
CA ARG A 98 10.96 11.18 11.66
C ARG A 98 9.55 11.78 11.66
N GLY A 99 9.08 12.12 12.85
CA GLY A 99 7.76 12.68 13.03
C GLY A 99 6.84 11.64 13.65
N VAL A 100 5.57 11.66 13.24
CA VAL A 100 4.54 10.78 13.73
C VAL A 100 4.04 9.94 12.56
N ILE A 101 3.91 8.64 12.79
CA ILE A 101 3.37 7.72 11.80
C ILE A 101 1.99 7.33 12.33
N LEU A 102 0.97 7.45 11.48
CA LEU A 102 -0.40 7.08 11.80
C LEU A 102 -0.78 5.83 11.05
N HIS A 103 -1.34 4.88 11.79
CA HIS A 103 -1.74 3.62 11.25
C HIS A 103 -3.19 3.47 11.63
N LEU A 104 -4.03 3.35 10.63
CA LEU A 104 -5.45 3.36 10.85
C LEU A 104 -6.02 1.97 10.85
N ASP A 105 -5.25 1.07 11.40
CA ASP A 105 -5.60 -0.33 11.49
C ASP A 105 -6.98 -0.49 12.12
N LEU A 106 -7.27 0.31 13.17
CA LEU A 106 -8.56 0.20 13.88
C LEU A 106 -9.79 0.71 13.13
N LEU A 107 -9.59 1.37 11.99
CA LEU A 107 -10.70 1.84 11.23
C LEU A 107 -10.89 0.80 10.15
N GLN A 108 -11.64 -0.25 10.53
CA GLN A 108 -11.83 -1.50 9.78
C GLN A 108 -13.15 -1.79 9.06
N THR A 109 -14.21 -1.07 9.39
CA THR A 109 -15.55 -1.32 8.81
C THR A 109 -15.78 -1.44 7.31
N ILE A 110 -16.61 -2.42 6.94
CA ILE A 110 -17.03 -2.66 5.58
C ILE A 110 -18.56 -2.77 5.54
N GLU A 111 -19.25 -1.95 4.74
CA GLU A 111 -20.73 -1.99 4.72
C GLU A 111 -21.44 -2.18 3.37
N ARG A 112 -22.65 -2.74 3.46
CA ARG A 112 -23.55 -2.91 2.34
C ARG A 112 -24.43 -1.70 2.23
N ASN A 113 -24.57 -1.18 1.04
CA ASN A 113 -25.45 -0.02 0.85
C ASN A 113 -26.08 0.00 -0.56
N ASN A 114 -27.12 -0.80 -0.77
CA ASN A 114 -27.74 -1.06 -2.10
C ASN A 114 -26.62 -1.62 -3.01
N THR A 115 -26.41 -1.04 -4.19
CA THR A 115 -25.38 -1.52 -5.11
C THR A 115 -23.97 -0.96 -4.75
N GLN A 116 -23.90 -0.19 -3.65
CA GLN A 116 -22.65 0.45 -3.24
C GLN A 116 -21.95 -0.12 -2.01
N ILE A 117 -20.63 -0.16 -2.09
CA ILE A 117 -19.81 -0.61 -0.98
C ILE A 117 -18.99 0.50 -0.28
N VAL A 118 -19.16 0.59 1.05
CA VAL A 118 -18.44 1.54 1.89
C VAL A 118 -17.51 0.78 2.81
N ALA A 119 -16.23 1.16 2.75
CA ALA A 119 -15.17 0.53 3.56
C ALA A 119 -14.25 1.57 4.16
N MET A 120 -13.85 1.34 5.40
CA MET A 120 -12.92 2.23 6.09
C MET A 120 -11.49 2.08 5.58
N SER A 121 -10.63 3.07 5.81
CA SER A 121 -9.33 3.05 5.16
C SER A 121 -8.35 2.03 5.70
N GLY A 122 -8.72 1.40 6.82
CA GLY A 122 -7.86 0.43 7.49
C GLY A 122 -8.30 -0.97 7.11
N ALA A 123 -9.38 -1.06 6.36
CA ALA A 123 -9.87 -2.35 5.88
C ALA A 123 -8.92 -2.89 4.80
N LYS A 124 -8.82 -4.20 4.72
CA LYS A 124 -7.98 -4.82 3.75
C LYS A 124 -8.73 -4.83 2.49
N LEU A 125 -8.02 -4.53 1.41
CA LEU A 125 -8.68 -4.53 0.11
C LEU A 125 -9.19 -5.93 -0.27
N ILE A 126 -8.53 -6.98 0.17
CA ILE A 126 -8.94 -8.30 -0.21
C ILE A 126 -10.31 -8.64 0.40
N ASP A 127 -10.51 -8.20 1.65
CA ASP A 127 -11.78 -8.41 2.37
C ASP A 127 -12.90 -7.65 1.69
N THR A 128 -12.59 -6.47 1.15
CA THR A 128 -13.59 -5.68 0.46
C THR A 128 -14.00 -6.37 -0.86
N ALA A 129 -13.07 -7.09 -1.48
CA ALA A 129 -13.45 -7.79 -2.70
C ALA A 129 -14.21 -9.11 -2.36
N LYS A 130 -14.01 -9.61 -1.14
CA LYS A 130 -14.71 -10.79 -0.69
C LYS A 130 -16.14 -10.46 -0.36
N PHE A 131 -16.33 -9.29 0.23
CA PHE A 131 -17.61 -8.82 0.64
C PHE A 131 -18.39 -8.78 -0.65
N ALA A 132 -18.00 -7.89 -1.55
CA ALA A 132 -18.63 -7.68 -2.88
C ALA A 132 -19.24 -8.90 -3.55
N LEU A 133 -18.50 -9.99 -3.47
CA LEU A 133 -18.91 -11.27 -3.99
C LEU A 133 -20.07 -11.84 -3.17
N ASN A 134 -20.05 -11.67 -1.84
CA ASN A 134 -21.14 -12.16 -0.99
C ASN A 134 -22.41 -11.43 -1.27
N GLU A 135 -22.30 -10.28 -1.92
CA GLU A 135 -23.47 -9.46 -2.25
C GLU A 135 -23.79 -9.55 -3.74
N SER A 136 -23.04 -10.28 -4.51
CA SER A 136 -23.38 -10.26 -5.89
C SER A 136 -23.21 -8.84 -6.32
N LEU A 137 -22.06 -8.28 -6.02
CA LEU A 137 -21.68 -7.01 -6.63
C LEU A 137 -20.45 -7.17 -7.51
N SER A 138 -20.51 -6.63 -8.71
CA SER A 138 -19.39 -6.70 -9.65
C SER A 138 -18.69 -5.38 -9.89
N GLY A 139 -17.40 -5.48 -10.14
CA GLY A 139 -16.60 -4.32 -10.42
C GLY A 139 -15.31 -4.37 -9.65
N LEU A 140 -15.29 -5.15 -8.55
CA LEU A 140 -14.06 -5.29 -7.75
C LEU A 140 -13.19 -6.53 -8.04
N GLU A 141 -13.72 -7.46 -8.82
CA GLU A 141 -13.00 -8.69 -9.02
C GLU A 141 -11.50 -8.50 -9.07
N PHE A 142 -11.05 -7.45 -9.77
CA PHE A 142 -9.63 -7.21 -10.01
C PHE A 142 -8.73 -7.08 -8.75
N ALA A 143 -9.36 -6.90 -7.59
CA ALA A 143 -8.71 -6.66 -6.32
C ALA A 143 -8.78 -7.84 -5.34
N CYS A 144 -9.26 -8.97 -5.78
CA CYS A 144 -9.37 -10.13 -4.87
C CYS A 144 -7.98 -10.59 -4.40
N GLY A 145 -6.94 -10.16 -5.14
CA GLY A 145 -5.59 -10.57 -4.83
C GLY A 145 -4.58 -9.49 -4.50
N ILE A 146 -5.02 -8.22 -4.43
CA ILE A 146 -4.14 -7.06 -4.18
C ILE A 146 -4.06 -6.80 -2.68
N PRO A 147 -2.88 -7.00 -2.10
CA PRO A 147 -2.63 -6.87 -0.66
C PRO A 147 -2.76 -5.44 -0.24
N GLY A 148 -2.81 -5.18 1.07
CA GLY A 148 -2.85 -3.81 1.54
C GLY A 148 -4.18 -3.29 2.00
N SER A 149 -4.17 -2.04 2.43
CA SER A 149 -5.35 -1.38 2.97
C SER A 149 -6.10 -0.58 1.93
N ILE A 150 -7.34 -0.24 2.25
CA ILE A 150 -8.17 0.61 1.38
C ILE A 150 -7.54 2.00 1.24
N GLY A 151 -6.97 2.50 2.32
CA GLY A 151 -6.31 3.78 2.24
C GLY A 151 -5.19 3.75 1.24
N GLY A 152 -4.45 2.64 1.21
CA GLY A 152 -3.29 2.53 0.30
C GLY A 152 -3.81 2.40 -1.11
N ALA A 153 -4.87 1.61 -1.25
CA ALA A 153 -5.53 1.44 -2.53
C ALA A 153 -5.95 2.79 -3.15
N LEU A 154 -6.62 3.66 -2.40
CA LEU A 154 -7.02 4.91 -3.05
C LEU A 154 -5.79 5.77 -3.34
N HIS A 155 -4.82 5.68 -2.44
CA HIS A 155 -3.66 6.49 -2.61
C HIS A 155 -2.94 6.09 -3.87
N MET A 156 -2.89 4.79 -4.14
CA MET A 156 -2.17 4.29 -5.29
C MET A 156 -3.01 4.07 -6.57
N ASN A 157 -4.30 4.38 -6.54
CA ASN A 157 -5.19 3.99 -7.63
C ASN A 157 -4.82 2.57 -8.05
N ALA A 158 -4.87 1.71 -7.04
CA ALA A 158 -4.46 0.33 -7.16
C ALA A 158 -5.23 -0.36 -8.28
N GLY A 159 -4.53 -1.15 -9.08
CA GLY A 159 -5.19 -1.87 -10.15
C GLY A 159 -4.48 -3.13 -10.55
N ALA A 160 -5.17 -4.04 -11.23
CA ALA A 160 -4.58 -5.28 -11.70
C ALA A 160 -5.52 -5.94 -12.70
N TYR A 161 -4.96 -6.53 -13.75
CA TYR A 161 -5.76 -7.24 -14.75
C TYR A 161 -6.69 -6.29 -15.50
N GLY A 162 -6.10 -5.19 -15.98
CA GLY A 162 -6.87 -4.17 -16.68
C GLY A 162 -7.93 -3.44 -15.86
N GLY A 163 -8.14 -3.87 -14.61
CA GLY A 163 -9.06 -3.24 -13.63
C GLY A 163 -8.31 -2.21 -12.75
N GLU A 164 -9.06 -1.31 -12.10
CA GLU A 164 -8.47 -0.23 -11.32
C GLU A 164 -9.49 0.42 -10.41
N ILE A 165 -9.05 0.91 -9.23
CA ILE A 165 -9.93 1.53 -8.21
C ILE A 165 -10.69 2.72 -8.77
N SER A 166 -10.01 3.54 -9.57
CA SER A 166 -10.66 4.71 -10.17
C SER A 166 -11.82 4.27 -11.04
N ASP A 167 -11.72 3.08 -11.63
CA ASP A 167 -12.87 2.55 -12.39
C ASP A 167 -14.12 2.54 -11.53
N VAL A 168 -14.00 2.26 -10.24
CA VAL A 168 -15.20 2.18 -9.43
C VAL A 168 -15.27 3.03 -8.18
N LEU A 169 -14.37 3.97 -8.04
CA LEU A 169 -14.38 4.82 -6.88
C LEU A 169 -15.53 5.78 -6.97
N GLU A 170 -16.47 5.72 -6.05
CA GLU A 170 -17.59 6.63 -6.10
C GLU A 170 -17.27 7.89 -5.28
N ALA A 171 -17.01 7.68 -4.00
CA ALA A 171 -16.78 8.74 -3.04
C ALA A 171 -15.76 8.31 -1.99
N ALA A 172 -15.16 9.29 -1.33
CA ALA A 172 -14.20 9.04 -0.26
C ALA A 172 -14.30 10.08 0.83
N THR A 173 -14.09 9.63 2.08
CA THR A 173 -14.00 10.54 3.19
C THR A 173 -12.51 10.73 3.48
N VAL A 174 -12.10 11.96 3.63
CA VAL A 174 -10.72 12.25 3.76
C VAL A 174 -10.38 13.34 4.80
N LEU A 175 -9.11 13.41 5.19
CA LEU A 175 -8.61 14.47 6.06
C LEU A 175 -7.57 15.27 5.33
N THR A 176 -7.77 16.56 5.31
CA THR A 176 -6.80 17.45 4.72
C THR A 176 -5.64 17.57 5.71
N GLN A 177 -4.51 18.11 5.24
CA GLN A 177 -3.34 18.23 6.09
C GLN A 177 -3.57 19.04 7.35
N THR A 178 -4.61 19.89 7.34
CA THR A 178 -4.89 20.69 8.52
C THR A 178 -5.73 19.89 9.52
N GLY A 179 -6.26 18.73 9.10
CA GLY A 179 -7.09 17.95 10.00
C GLY A 179 -8.59 17.95 9.72
N GLU A 180 -9.07 18.74 8.76
CA GLU A 180 -10.53 18.81 8.48
C GLU A 180 -11.08 17.66 7.66
N LEU A 181 -12.28 17.15 7.97
CA LEU A 181 -12.88 16.19 7.07
C LEU A 181 -13.26 16.86 5.76
N LYS A 182 -13.23 16.08 4.71
CA LYS A 182 -13.65 16.55 3.42
C LYS A 182 -14.23 15.31 2.77
N LYS A 183 -15.51 15.39 2.41
CA LYS A 183 -16.22 14.31 1.72
C LYS A 183 -16.09 14.55 0.22
N LEU A 184 -15.50 13.60 -0.50
CA LEU A 184 -15.25 13.81 -1.94
C LEU A 184 -16.15 13.01 -2.86
N LYS A 185 -16.33 13.51 -4.08
CA LYS A 185 -17.11 12.82 -5.11
C LYS A 185 -16.26 12.58 -6.34
N ARG A 186 -16.77 11.70 -7.20
CA ARG A 186 -16.15 11.30 -8.46
C ARG A 186 -15.31 12.41 -9.11
N SER A 187 -15.97 13.53 -9.43
CA SER A 187 -15.34 14.67 -10.12
C SER A 187 -13.99 15.07 -9.53
N GLU A 188 -13.94 15.06 -8.20
CA GLU A 188 -12.80 15.49 -7.45
C GLU A 188 -11.75 14.39 -7.29
N LEU A 189 -12.03 13.21 -7.86
CA LEU A 189 -11.15 12.04 -7.76
C LEU A 189 -10.65 11.65 -9.16
N LYS A 190 -9.37 11.80 -9.42
CA LYS A 190 -8.88 11.48 -10.75
C LYS A 190 -7.44 11.01 -10.76
N TYR A 193 -2.86 5.60 -14.31
CA TYR A 193 -1.92 4.56 -13.95
C TYR A 193 -1.38 4.75 -12.55
N ARG A 194 -1.42 3.66 -11.78
CA ARG A 194 -0.94 3.59 -10.38
C ARG A 194 0.18 4.61 -10.06
N SER A 196 -3.88 8.89 -8.82
CA SER A 196 -4.91 9.44 -7.91
C SER A 196 -4.63 10.90 -7.54
N THR A 197 -5.69 11.71 -7.51
CA THR A 197 -5.61 13.11 -7.09
C THR A 197 -5.48 13.14 -5.56
N ILE A 198 -5.74 11.99 -4.93
CA ILE A 198 -5.54 11.75 -3.49
C ILE A 198 -4.06 11.88 -3.15
N ALA A 199 -3.21 11.32 -4.02
CA ALA A 199 -1.74 11.35 -3.87
C ALA A 199 -1.26 12.80 -3.73
N GLU A 200 -1.53 13.60 -4.77
CA GLU A 200 -1.31 15.03 -4.64
C GLU A 200 -2.41 15.44 -3.72
N LYS A 201 -2.41 16.68 -3.26
CA LYS A 201 -3.43 17.11 -2.31
C LYS A 201 -3.25 16.40 -0.98
N ASN A 202 -2.37 15.43 -0.96
CA ASN A 202 -2.00 14.71 0.27
C ASN A 202 -3.10 14.40 1.31
N TYR A 203 -4.21 13.85 0.83
CA TYR A 203 -5.35 13.51 1.67
C TYR A 203 -5.14 12.24 2.47
N ILE A 204 -5.61 12.21 3.72
CA ILE A 204 -5.59 10.98 4.53
C ILE A 204 -6.96 10.33 4.34
N VAL A 205 -7.00 9.22 3.65
CA VAL A 205 -8.25 8.57 3.40
C VAL A 205 -8.77 7.95 4.68
N LEU A 206 -10.04 8.21 5.01
CA LEU A 206 -10.70 7.56 6.15
C LEU A 206 -11.69 6.43 5.74
N ASP A 207 -12.46 6.62 4.68
CA ASP A 207 -13.29 5.54 4.16
C ASP A 207 -13.57 5.76 2.68
N ALA A 208 -13.95 4.69 2.00
CA ALA A 208 -14.18 4.76 0.55
C ALA A 208 -15.53 4.16 0.11
N THR A 209 -16.12 4.74 -0.94
CA THR A 209 -17.39 4.26 -1.49
C THR A 209 -17.22 3.83 -2.94
N PHE A 210 -17.47 2.56 -3.20
CA PHE A 210 -17.38 2.04 -4.57
C PHE A 210 -18.77 1.80 -5.20
N SER A 211 -18.98 2.34 -6.41
CA SER A 211 -20.23 2.17 -7.19
C SER A 211 -20.22 0.85 -7.97
N LEU A 212 -20.80 -0.21 -7.44
CA LEU A 212 -20.77 -1.44 -8.18
C LEU A 212 -22.06 -1.75 -8.92
N ALA A 213 -22.09 -2.83 -9.65
CA ALA A 213 -23.31 -3.23 -10.33
C ALA A 213 -23.75 -4.66 -9.93
N LEU A 214 -25.06 -4.90 -9.89
CA LEU A 214 -25.57 -6.25 -9.60
C LEU A 214 -25.36 -7.24 -10.76
N GLU A 215 -24.85 -8.42 -10.41
CA GLU A 215 -24.51 -9.47 -11.33
C GLU A 215 -24.41 -10.80 -10.57
N GLU A 216 -24.65 -11.90 -11.28
CA GLU A 216 -24.66 -13.22 -10.68
C GLU A 216 -23.37 -13.59 -9.98
N LYS A 217 -23.52 -14.27 -8.86
CA LYS A 217 -22.40 -14.80 -8.06
C LYS A 217 -21.43 -15.63 -8.90
N ASN A 218 -21.99 -16.59 -9.63
CA ASN A 218 -21.22 -17.45 -10.48
C ASN A 218 -20.26 -16.68 -11.38
N LEU A 219 -20.77 -15.64 -12.06
CA LEU A 219 -19.93 -14.87 -13.00
C LEU A 219 -18.78 -14.20 -12.29
N ILE A 220 -19.05 -13.54 -11.17
CA ILE A 220 -17.99 -12.94 -10.35
C ILE A 220 -17.03 -14.04 -9.83
N GLN A 221 -17.60 -15.14 -9.34
CA GLN A 221 -16.77 -16.26 -8.86
C GLN A 221 -15.72 -16.74 -9.89
N ALA A 222 -16.17 -16.94 -11.13
CA ALA A 222 -15.33 -17.39 -12.25
C ALA A 222 -14.16 -16.43 -12.57
N LYS A 223 -14.42 -15.13 -12.40
CA LYS A 223 -13.40 -14.10 -12.51
C LYS A 223 -12.45 -14.19 -11.35
N MET A 224 -12.98 -14.40 -10.14
CA MET A 224 -12.11 -14.37 -8.98
C MET A 224 -11.19 -15.55 -8.91
N ASP A 225 -11.72 -16.69 -9.34
CA ASP A 225 -10.95 -17.90 -9.39
C ASP A 225 -9.95 -17.72 -10.47
N GLU A 226 -10.38 -17.24 -11.64
CA GLU A 226 -9.45 -16.96 -12.76
C GLU A 226 -8.28 -16.08 -12.30
N LEU A 227 -8.62 -15.05 -11.53
CA LEU A 227 -7.64 -14.09 -11.12
C LEU A 227 -6.69 -14.64 -10.08
N THR A 228 -7.21 -15.41 -9.14
CA THR A 228 -6.36 -16.03 -8.13
C THR A 228 -5.42 -17.02 -8.82
N ALA A 229 -5.95 -17.83 -9.73
CA ALA A 229 -5.18 -18.79 -10.48
C ALA A 229 -4.03 -18.09 -11.17
N ALA A 230 -4.38 -17.04 -11.91
CA ALA A 230 -3.41 -16.24 -12.67
C ALA A 230 -2.29 -15.69 -11.78
N ARG A 231 -2.67 -14.98 -10.73
CA ARG A 231 -1.71 -14.38 -9.86
C ARG A 231 -0.86 -15.43 -9.18
N GLU A 232 -1.50 -16.47 -8.65
CA GLU A 232 -0.74 -17.49 -7.95
C GLU A 232 0.29 -18.12 -8.83
N ALA A 233 -0.05 -18.32 -10.09
CA ALA A 233 0.86 -18.94 -11.05
C ALA A 233 2.11 -18.11 -11.26
N LYS A 234 2.02 -16.80 -11.06
CA LYS A 234 3.12 -15.94 -11.42
C LYS A 234 3.77 -15.13 -10.35
N GLN A 235 3.25 -15.17 -9.14
CA GLN A 235 3.77 -14.36 -8.07
C GLN A 235 4.13 -15.13 -6.84
N PRO A 236 5.21 -14.71 -6.16
CA PRO A 236 5.57 -15.35 -4.91
C PRO A 236 4.65 -14.81 -3.84
N LEU A 237 3.55 -15.47 -3.56
CA LEU A 237 2.67 -14.93 -2.53
C LEU A 237 3.05 -15.51 -1.17
N GLU A 238 3.82 -16.61 -1.21
CA GLU A 238 4.30 -17.28 -0.01
C GLU A 238 5.29 -16.40 0.78
N TYR A 239 6.11 -15.62 0.09
CA TYR A 239 7.13 -14.82 0.76
C TYR A 239 6.71 -13.42 1.03
N PRO A 240 7.22 -12.82 2.13
CA PRO A 240 6.87 -11.42 2.26
C PRO A 240 7.57 -10.68 1.12
N SER A 241 6.94 -9.63 0.58
CA SER A 241 7.57 -8.82 -0.47
C SER A 241 6.84 -7.53 -0.57
N CYS A 242 7.33 -6.60 -1.38
CA CYS A 242 6.53 -5.44 -1.70
C CYS A 242 5.95 -5.94 -3.02
N GLY A 243 5.47 -5.12 -3.92
CA GLY A 243 4.94 -5.88 -5.07
C GLY A 243 5.95 -6.00 -6.17
N SER A 244 5.49 -5.62 -7.34
CA SER A 244 6.36 -5.49 -8.44
C SER A 244 7.17 -4.28 -7.96
N VAL A 245 8.47 -4.44 -7.84
CA VAL A 245 9.36 -3.38 -7.38
C VAL A 245 9.49 -2.17 -8.34
N PHE A 246 9.38 -2.35 -9.65
CA PHE A 246 9.62 -1.27 -10.61
C PHE A 246 8.45 -0.91 -11.52
N LYS A 247 8.37 0.34 -11.96
CA LYS A 247 7.37 0.71 -12.95
C LYS A 247 7.76 0.02 -14.25
N ARG A 248 6.86 -0.07 -15.20
CA ARG A 248 7.23 -0.73 -16.44
C ARG A 248 7.89 0.29 -17.41
N PRO A 249 9.12 0.01 -17.80
CA PRO A 249 9.84 0.84 -18.76
C PRO A 249 9.20 0.75 -20.15
N PRO A 250 9.06 1.89 -20.82
CA PRO A 250 8.42 1.93 -22.14
C PRO A 250 8.76 0.67 -22.92
N GLY A 251 7.75 -0.12 -23.25
CA GLY A 251 7.91 -1.27 -24.12
C GLY A 251 8.87 -2.35 -23.69
N HIS A 252 8.88 -2.63 -22.39
CA HIS A 252 9.74 -3.63 -21.86
C HIS A 252 9.04 -4.16 -20.72
N PHE A 253 9.34 -5.37 -20.32
CA PHE A 253 8.80 -5.80 -19.06
C PHE A 253 9.89 -5.67 -18.02
N ALA A 254 9.54 -5.16 -16.85
CA ALA A 254 10.52 -5.07 -15.76
C ALA A 254 11.16 -6.44 -15.54
N GLY A 255 10.32 -7.42 -15.23
CA GLY A 255 10.78 -8.77 -14.97
C GLY A 255 11.69 -9.32 -16.02
N LYS A 256 11.34 -9.07 -17.29
CA LYS A 256 12.08 -9.67 -18.39
C LYS A 256 13.46 -9.09 -18.43
N LEU A 257 13.57 -7.77 -18.29
CA LEU A 257 14.88 -7.10 -18.28
C LEU A 257 15.75 -7.64 -17.14
N ILE A 258 15.15 -7.68 -15.96
CA ILE A 258 15.86 -8.14 -14.84
C ILE A 258 16.38 -9.54 -15.14
N GLN A 259 15.49 -10.40 -15.60
CA GLN A 259 15.84 -11.78 -15.85
C GLN A 259 16.91 -11.84 -16.91
N ASP A 260 16.73 -11.07 -17.97
CA ASP A 260 17.72 -10.96 -19.04
C ASP A 260 19.10 -10.45 -18.59
N SER A 261 19.16 -9.67 -17.51
CA SER A 261 20.46 -9.16 -17.04
C SER A 261 21.22 -10.12 -16.13
N GLY A 262 20.66 -11.32 -15.95
CA GLY A 262 21.27 -12.32 -15.12
C GLY A 262 21.06 -12.08 -13.65
N LEU A 263 20.08 -11.26 -13.29
CA LEU A 263 19.84 -10.98 -11.87
C LEU A 263 18.85 -11.87 -11.16
N GLN A 264 18.16 -12.77 -11.85
CA GLN A 264 17.18 -13.58 -11.17
C GLN A 264 17.83 -14.61 -10.24
N GLY A 265 17.42 -14.58 -8.96
CA GLY A 265 17.94 -15.45 -7.93
C GLY A 265 18.98 -14.71 -7.12
N HIS A 266 19.41 -13.55 -7.57
CA HIS A 266 20.42 -12.79 -6.87
C HIS A 266 20.00 -12.56 -5.46
N ILE A 267 20.94 -12.65 -4.53
CA ILE A 267 20.66 -12.45 -3.11
C ILE A 267 21.63 -11.47 -2.49
N ILE A 268 21.11 -10.57 -1.68
CA ILE A 268 21.91 -9.69 -0.86
C ILE A 268 21.28 -9.78 0.53
N GLY A 269 22.06 -10.22 1.54
CA GLY A 269 21.54 -10.44 2.88
C GLY A 269 20.37 -11.40 2.87
N GLY A 270 19.20 -10.98 3.33
CA GLY A 270 18.02 -11.85 3.28
C GLY A 270 17.03 -11.50 2.17
N ALA A 271 17.50 -10.73 1.19
CA ALA A 271 16.67 -10.30 0.09
C ALA A 271 17.05 -11.02 -1.19
N GLN A 272 16.08 -11.34 -2.02
CA GLN A 272 16.34 -12.05 -3.28
C GLN A 272 15.48 -11.58 -4.43
N VAL A 273 16.06 -11.42 -5.59
CA VAL A 273 15.28 -11.13 -6.77
C VAL A 273 14.56 -12.44 -7.00
N SER A 274 13.24 -12.44 -6.86
CA SER A 274 12.45 -13.68 -6.87
C SER A 274 12.75 -14.68 -7.96
N LEU A 275 12.94 -15.94 -7.60
CA LEU A 275 13.10 -16.96 -8.65
C LEU A 275 11.79 -17.24 -9.35
N LYS A 276 10.71 -16.68 -8.85
CA LYS A 276 9.46 -16.94 -9.51
C LYS A 276 9.04 -15.76 -10.42
N HIS A 277 9.30 -14.53 -9.98
CA HIS A 277 8.97 -13.34 -10.77
C HIS A 277 10.12 -12.36 -10.59
N ALA A 278 10.94 -12.18 -11.61
CA ALA A 278 12.13 -11.40 -11.42
C ALA A 278 11.89 -9.97 -11.01
N GLY A 279 10.66 -9.45 -11.15
CA GLY A 279 10.36 -8.06 -10.78
C GLY A 279 9.97 -7.87 -9.32
N PHE A 280 10.06 -8.96 -8.55
CA PHE A 280 9.78 -9.01 -7.14
C PHE A 280 11.02 -9.30 -6.33
N ILE A 281 11.21 -8.55 -5.25
CA ILE A 281 12.30 -8.87 -4.36
C ILE A 281 11.67 -9.51 -3.11
N VAL A 282 11.87 -10.81 -2.97
CA VAL A 282 11.31 -11.53 -1.83
C VAL A 282 12.24 -11.54 -0.61
N ASN A 283 11.66 -11.85 0.55
CA ASN A 283 12.33 -11.86 1.82
C ASN A 283 12.48 -13.30 2.20
N ILE A 284 13.60 -13.89 1.84
CA ILE A 284 13.85 -15.28 2.17
C ILE A 284 14.18 -15.51 3.65
N GLY A 285 14.02 -14.50 4.49
CA GLY A 285 14.18 -14.65 5.94
C GLY A 285 15.13 -13.66 6.58
N GLY A 286 14.59 -12.76 7.38
CA GLY A 286 15.46 -11.80 8.06
C GLY A 286 16.03 -10.70 7.19
N ALA A 287 15.41 -10.48 6.04
CA ALA A 287 15.84 -9.36 5.21
C ALA A 287 15.70 -8.01 5.99
N THR A 288 16.52 -7.02 5.61
CA THR A 288 16.40 -5.70 6.20
C THR A 288 16.15 -4.72 5.09
N ALA A 289 15.66 -3.53 5.44
CA ALA A 289 15.48 -2.49 4.45
C ALA A 289 16.81 -2.19 3.73
N THR A 290 17.91 -2.23 4.48
CA THR A 290 19.21 -2.02 3.84
C THR A 290 19.34 -3.04 2.72
N ASP A 291 19.06 -4.31 3.02
CA ASP A 291 19.14 -5.37 1.99
C ASP A 291 18.29 -5.02 0.80
N TYR A 292 17.05 -4.59 1.03
CA TYR A 292 16.20 -4.19 -0.10
C TYR A 292 16.80 -3.07 -0.95
N MET A 293 17.21 -1.97 -0.30
CA MET A 293 17.77 -0.80 -0.98
C MET A 293 19.01 -1.19 -1.74
N ASN A 294 19.77 -2.12 -1.17
CA ASN A 294 20.98 -2.56 -1.78
C ASN A 294 20.70 -3.43 -3.00
N LEU A 295 19.74 -4.32 -2.90
CA LEU A 295 19.42 -5.12 -4.06
C LEU A 295 18.73 -4.26 -5.14
N ILE A 296 17.84 -3.37 -4.72
CA ILE A 296 17.21 -2.51 -5.67
C ILE A 296 18.26 -1.73 -6.45
N ALA A 297 19.20 -1.12 -5.77
CA ALA A 297 20.20 -0.32 -6.48
C ALA A 297 21.11 -1.15 -7.39
N TYR A 298 21.44 -2.36 -6.95
CA TYR A 298 22.31 -3.17 -7.75
C TYR A 298 21.60 -3.64 -9.05
N VAL A 299 20.31 -3.91 -8.94
CA VAL A 299 19.52 -4.28 -10.09
C VAL A 299 19.44 -3.10 -11.03
N GLN A 300 19.00 -1.96 -10.51
CA GLN A 300 18.93 -0.75 -11.31
C GLN A 300 20.25 -0.55 -12.00
N GLN A 301 21.34 -0.67 -11.26
CA GLN A 301 22.63 -0.42 -11.86
C GLN A 301 23.04 -1.43 -12.92
N THR A 302 22.75 -2.71 -12.70
CA THR A 302 23.14 -3.75 -13.62
C THR A 302 22.30 -3.64 -14.90
N VAL A 303 21.04 -3.35 -14.72
CA VAL A 303 20.20 -3.25 -15.89
C VAL A 303 20.60 -2.11 -16.78
N ARG A 304 21.01 -0.98 -16.21
CA ARG A 304 21.33 0.14 -17.07
C ARG A 304 22.67 -0.10 -17.78
N GLU A 305 23.45 -1.04 -17.26
CA GLU A 305 24.72 -1.32 -17.91
C GLU A 305 24.60 -2.24 -19.08
N LYS A 306 23.66 -3.19 -19.01
CA LYS A 306 23.45 -4.14 -20.09
C LYS A 306 22.52 -3.63 -21.17
N PHE A 307 21.55 -2.79 -20.83
CA PHE A 307 20.54 -2.36 -21.80
C PHE A 307 20.29 -0.86 -21.88
N ASP A 308 20.91 -0.09 -21.00
CA ASP A 308 20.68 1.35 -20.99
C ASP A 308 19.23 1.72 -20.73
N VAL A 309 18.62 1.05 -19.77
CA VAL A 309 17.24 1.33 -19.47
C VAL A 309 17.17 1.68 -18.00
N GLU A 310 16.45 2.76 -17.68
CA GLU A 310 16.23 3.25 -16.31
C GLU A 310 15.07 2.58 -15.62
N LEU A 311 15.35 1.70 -14.67
CA LEU A 311 14.25 1.10 -13.94
C LEU A 311 13.92 2.02 -12.80
N GLU A 312 12.70 2.52 -12.77
CA GLU A 312 12.30 3.42 -11.71
C GLU A 312 11.41 2.68 -10.77
N THR A 313 11.63 2.89 -9.48
CA THR A 313 10.85 2.14 -8.52
C THR A 313 9.36 2.50 -8.55
N GLU A 314 8.51 1.50 -8.40
CA GLU A 314 7.09 1.71 -8.23
C GLU A 314 6.89 1.83 -6.73
N VAL A 315 7.42 0.86 -5.98
CA VAL A 315 7.36 0.86 -4.53
C VAL A 315 7.91 2.16 -3.89
N LYS A 316 7.26 2.64 -2.81
CA LYS A 316 7.68 3.91 -2.15
C LYS A 316 8.84 3.68 -1.25
N ILE A 317 9.72 4.67 -1.19
CA ILE A 317 10.92 4.66 -0.37
C ILE A 317 10.85 5.76 0.67
N ILE A 318 10.91 5.42 1.96
CA ILE A 318 10.80 6.44 3.03
C ILE A 318 11.62 6.14 4.28
N GLY A 319 11.90 7.19 5.06
CA GLY A 319 12.77 7.17 6.24
C GLY A 319 14.11 7.70 5.76
N GLU A 320 15.15 7.75 6.60
CA GLU A 320 16.48 8.06 6.04
C GLU A 320 17.51 7.02 6.35
N ASP A 321 18.74 7.28 5.92
CA ASP A 321 19.81 6.32 6.07
C ASP A 321 20.26 6.22 7.51
N LYS A 322 20.20 5.02 8.09
CA LYS A 322 20.60 4.85 9.51
C LYS A 322 22.04 5.28 9.76
PA FAD B . 1.34 1.15 2.07
O1A FAD B . 1.23 1.08 3.55
O2A FAD B . 2.37 0.31 1.36
O5B FAD B . 1.68 2.65 1.65
C5B FAD B . 1.30 2.92 0.30
C4B FAD B . 1.16 4.40 0.04
O4B FAD B . -0.15 4.84 0.33
C3B FAD B . 2.09 5.31 0.83
O3B FAD B . 2.25 6.51 0.03
C2B FAD B . 1.21 5.63 2.03
O2B FAD B . 1.52 6.79 2.82
C1B FAD B . -0.12 5.83 1.36
N9A FAD B . -1.20 5.49 2.26
C8A FAD B . -1.40 4.33 2.92
N7A FAD B . -2.58 4.40 3.58
C5A FAD B . -3.17 5.59 3.35
C6A FAD B . -4.39 6.34 3.76
N6A FAD B . -5.33 5.83 4.60
N1A FAD B . -4.55 7.58 3.25
C2A FAD B . -3.68 8.14 2.42
N3A FAD B . -2.54 7.54 2.03
C4A FAD B . -2.23 6.30 2.46
N1 FAD B . -0.66 -3.03 -6.39
C2 FAD B . -1.49 -3.01 -7.47
O2 FAD B . -1.97 -1.94 -7.84
N3 FAD B . -1.84 -4.11 -8.15
C4 FAD B . -1.40 -5.33 -7.87
O4 FAD B . -1.72 -6.32 -8.55
C4X FAD B . -0.50 -5.42 -6.71
N5 FAD B . -0.01 -6.60 -6.34
C5X FAD B . 0.81 -6.75 -5.30
C6 FAD B . 1.26 -8.02 -4.97
C7 FAD B . 2.08 -8.21 -3.89
C7M FAD B . 2.57 -9.59 -3.56
C8 FAD B . 2.45 -7.02 -3.09
C8M FAD B . 3.35 -7.14 -1.91
C9 FAD B . 2.00 -5.77 -3.41
C9A FAD B . 1.19 -5.58 -4.50
N10 FAD B . 0.70 -4.29 -4.85
C10 FAD B . -0.15 -4.20 -5.96
C1' FAD B . 1.11 -3.11 -4.08
C2' FAD B . 0.15 -2.82 -2.94
O2' FAD B . -0.64 -3.98 -2.66
C3' FAD B . -0.80 -1.70 -3.30
O3' FAD B . 0.00 -0.59 -3.68
C4' FAD B . -1.65 -1.34 -2.07
O4' FAD B . -2.87 -0.69 -2.46
C5' FAD B . -0.89 -0.53 -1.05
O5' FAD B . -1.54 -0.72 0.20
P FAD B . -0.89 -0.40 1.60
O1P FAD B . -2.06 -0.21 2.50
O2P FAD B . 0.07 -1.51 1.82
O3P FAD B . -0.07 0.92 1.39
C1 GOL C . 2.06 -5.25 -8.70
O1 GOL C . 1.25 -5.39 -9.88
C2 GOL C . 2.68 -3.86 -8.65
O2 GOL C . 2.72 -3.39 -7.31
C3 GOL C . 1.86 -2.88 -9.47
O3 GOL C . 1.76 -1.69 -8.69
C1 GOL D . -1.68 -5.97 -16.37
O1 GOL D . -3.04 -6.40 -16.55
C2 GOL D . -1.06 -6.80 -15.24
O2 GOL D . 0.37 -6.88 -15.39
C3 GOL D . -1.35 -6.18 -13.88
O3 GOL D . -2.18 -7.11 -13.14
S SO4 E . 3.08 10.16 -2.93
O1 SO4 E . 1.95 11.05 -2.58
O2 SO4 E . 2.69 9.32 -4.09
O3 SO4 E . 4.27 10.99 -3.26
O4 SO4 E . 3.44 9.29 -1.79
S SO4 F . 6.49 -7.08 -15.28
O1 SO4 F . 5.06 -7.32 -14.96
O2 SO4 F . 7.06 -8.28 -15.95
O3 SO4 F . 6.65 -5.89 -16.13
O4 SO4 F . 7.22 -6.85 -14.01
#